data_2HGT
#
_entry.id   2HGT
#
_cell.length_a   70.650
_cell.length_b   72.400
_cell.length_c   72.820
_cell.angle_alpha   90.00
_cell.angle_beta   100.76
_cell.angle_gamma   90.00
#
_symmetry.space_group_name_H-M   'C 1 2 1'
#
loop_
_entity.id
_entity.type
_entity.pdbx_description
1 polymer 'ALPHA-THROMBIN (SMALL SUBUNIT)'
2 polymer 'ALPHA-THROMBIN (LARGE SUBUNIT)'
3 polymer Hirulog
4 polymer Hirulog
5 water water
#
loop_
_entity_poly.entity_id
_entity_poly.type
_entity_poly.pdbx_seq_one_letter_code
_entity_poly.pdbx_strand_id
1 'polypeptide(L)' TFGSGEADCGLRPLFEKKSLEDKTERELLESYIDGR L
2 'polypeptide(L)'
;IVEGSDAEIGMSPWQVMLFRKSPQELLCGASLISDRWVLTAAHCLLYPPWDKNFTENDLLVRIGKHSRTRYERNIEKISM
LEKIYIHPRYNWRENLDRDIALMKLKKPVAFSDYIHPVCLPDRETAASLLQAGYKGRVTGWGNLKETWTANVGKGQPSVL
QVVNLPIVERPVCKDSTRIRITDNMFCAGYKPDEGKRGDACEGDSGGPFVMKSPFNNRWYQMGIVSWGEGCDRDGKYGFY
THVFRLKKWIQKVIDQFGE
;
H
3 'polypeptide(L)' (DPN)PR I
4 'polypeptide(L)' PGGGGNGDFEEIPEEYL J
#
# COMPACT_ATOMS: atom_id res chain seq x y z
N SER A 4 13.47 -7.00 8.35
CA SER A 4 13.20 -5.97 7.29
C SER A 4 12.73 -6.69 6.00
N GLY A 5 11.50 -7.20 6.12
CA GLY A 5 10.81 -7.95 5.10
C GLY A 5 11.12 -9.44 5.11
N GLU A 6 10.91 -10.04 3.92
CA GLU A 6 11.09 -11.46 3.63
C GLU A 6 12.50 -12.04 3.56
N ALA A 7 13.30 -11.84 2.51
CA ALA A 7 14.65 -12.40 2.33
C ALA A 7 15.32 -12.07 0.98
N ASP A 8 14.42 -12.20 -0.02
CA ASP A 8 14.71 -11.89 -1.42
C ASP A 8 13.74 -10.69 -1.70
N CYS A 9 13.20 -10.29 -0.55
CA CYS A 9 12.23 -9.20 -0.45
C CYS A 9 12.77 -8.02 -1.24
N GLY A 10 11.84 -7.32 -1.84
CA GLY A 10 11.94 -6.13 -2.62
C GLY A 10 12.81 -6.19 -3.85
N LEU A 11 13.17 -7.38 -4.37
CA LEU A 11 13.97 -7.45 -5.62
C LEU A 11 13.05 -8.01 -6.70
N ARG A 12 12.56 -7.15 -7.56
CA ARG A 12 11.62 -7.58 -8.61
C ARG A 12 12.21 -8.48 -9.70
N PRO A 13 11.54 -9.66 -9.90
CA PRO A 13 12.01 -10.60 -10.97
C PRO A 13 12.18 -9.93 -12.30
N LEU A 14 11.30 -9.09 -12.78
CA LEU A 14 11.39 -8.38 -14.08
C LEU A 14 12.16 -7.05 -14.05
N PHE A 15 12.72 -6.63 -12.95
CA PHE A 15 13.45 -5.31 -12.93
C PHE A 15 14.83 -5.50 -12.27
N GLU A 16 14.94 -5.32 -10.97
CA GLU A 16 16.19 -5.49 -10.23
C GLU A 16 16.99 -6.75 -10.64
N LYS A 17 16.26 -7.88 -10.60
CA LYS A 17 16.75 -9.20 -10.94
C LYS A 17 17.37 -9.34 -12.33
N LYS A 18 16.98 -8.51 -13.28
CA LYS A 18 17.56 -8.60 -14.64
C LYS A 18 18.32 -7.30 -14.93
N SER A 19 18.38 -6.52 -13.87
CA SER A 19 19.06 -5.19 -13.98
C SER A 19 18.34 -4.26 -14.93
N LEU A 20 16.99 -4.26 -14.87
CA LEU A 20 16.19 -3.34 -15.72
C LEU A 20 15.52 -2.38 -14.73
N GLU A 21 15.41 -1.14 -15.07
CA GLU A 21 14.81 -0.06 -14.26
C GLU A 21 13.42 0.22 -14.85
N ASP A 22 12.48 0.56 -13.98
CA ASP A 22 11.13 0.94 -14.38
C ASP A 22 11.18 2.43 -14.83
N LYS A 23 10.18 2.77 -15.63
CA LYS A 23 10.19 4.11 -16.19
C LYS A 23 10.15 5.22 -15.19
N THR A 24 9.84 5.14 -13.94
CA THR A 24 9.89 6.35 -13.09
C THR A 24 10.65 6.14 -11.79
N GLU A 25 11.31 5.00 -11.65
CA GLU A 25 12.06 4.76 -10.42
C GLU A 25 13.13 5.85 -10.24
N ARG A 26 13.82 6.23 -11.30
CA ARG A 26 14.86 7.30 -11.28
C ARG A 26 14.39 8.56 -10.53
N GLU A 27 13.15 8.96 -10.63
CA GLU A 27 12.55 10.13 -9.91
C GLU A 27 12.65 9.95 -8.39
N LEU A 28 12.42 8.72 -7.93
CA LEU A 28 12.53 8.42 -6.50
C LEU A 28 13.98 8.63 -6.02
N LEU A 29 14.90 8.03 -6.76
CA LEU A 29 16.35 8.03 -6.51
C LEU A 29 16.99 9.43 -6.48
N GLU A 30 16.60 10.32 -7.33
CA GLU A 30 17.09 11.69 -7.42
C GLU A 30 16.54 12.58 -6.32
N SER A 31 15.54 12.09 -5.62
CA SER A 31 14.91 12.83 -4.53
C SER A 31 15.64 12.48 -3.23
N TYR A 32 16.31 11.36 -3.26
CA TYR A 32 17.07 10.86 -2.07
C TYR A 32 18.47 11.43 -2.41
N ILE A 33 18.23 12.68 -2.78
CA ILE A 33 19.24 13.66 -3.30
C ILE A 33 20.30 12.91 -4.10
N ASP A 34 19.67 12.18 -5.06
CA ASP A 34 20.21 11.31 -6.06
C ASP A 34 20.86 10.07 -5.46
N GLY A 35 20.27 8.90 -5.59
CA GLY A 35 20.80 7.64 -5.13
C GLY A 35 22.23 7.26 -4.76
N ARG A 36 22.48 5.96 -5.02
CA ARG A 36 23.73 5.25 -4.75
C ARG A 36 24.81 5.52 -5.79
N ILE B 1 -6.18 6.08 -7.40
CA ILE B 1 -5.09 7.01 -7.77
C ILE B 1 -5.55 8.10 -8.73
N VAL B 2 -5.26 9.34 -8.40
CA VAL B 2 -5.51 10.55 -9.11
C VAL B 2 -4.23 11.18 -9.70
N GLU B 3 -4.23 11.30 -11.01
CA GLU B 3 -3.14 11.89 -11.77
C GLU B 3 -1.97 10.90 -11.79
N GLY B 4 -2.26 9.63 -11.84
CA GLY B 4 -1.26 8.55 -11.83
C GLY B 4 -1.07 8.02 -13.26
N SER B 5 -0.52 6.83 -13.36
CA SER B 5 -0.27 6.17 -14.64
C SER B 5 -0.45 4.67 -14.49
N ASP B 6 -0.66 4.07 -15.66
CA ASP B 6 -0.77 2.59 -15.61
C ASP B 6 0.56 1.99 -15.08
N ALA B 7 0.45 0.99 -14.25
CA ALA B 7 1.64 0.28 -13.77
C ALA B 7 2.22 -0.48 -14.98
N GLU B 8 3.51 -0.76 -14.92
CA GLU B 8 4.16 -1.57 -15.98
C GLU B 8 3.93 -3.01 -15.46
N ILE B 9 4.15 -3.95 -16.35
CA ILE B 9 3.96 -5.37 -15.94
C ILE B 9 5.11 -5.68 -14.95
N GLY B 10 4.76 -6.36 -13.89
CA GLY B 10 5.68 -6.78 -12.82
C GLY B 10 6.28 -5.57 -12.08
N MET B 11 5.71 -4.38 -12.21
CA MET B 11 6.22 -3.22 -11.52
C MET B 11 6.00 -3.30 -10.00
N SER B 12 4.90 -3.88 -9.55
CA SER B 12 4.56 -3.93 -8.09
C SER B 12 4.01 -5.32 -7.78
N PRO B 13 4.98 -6.26 -7.73
CA PRO B 13 4.65 -7.67 -7.54
C PRO B 13 4.11 -8.03 -6.16
N TRP B 14 4.22 -7.09 -5.22
CA TRP B 14 3.70 -7.38 -3.89
C TRP B 14 2.26 -6.83 -3.84
N GLN B 15 1.78 -6.17 -4.88
CA GLN B 15 0.40 -5.60 -4.80
C GLN B 15 -0.59 -6.81 -4.78
N VAL B 16 -1.46 -6.68 -3.82
CA VAL B 16 -2.54 -7.61 -3.48
C VAL B 16 -3.91 -6.95 -3.62
N MET B 17 -4.91 -7.68 -4.07
CA MET B 17 -6.29 -7.12 -4.20
C MET B 17 -7.16 -7.81 -3.14
N LEU B 18 -7.79 -6.98 -2.33
CA LEU B 18 -8.73 -7.50 -1.26
C LEU B 18 -10.11 -7.55 -1.98
N PHE B 19 -10.55 -8.79 -2.10
CA PHE B 19 -11.76 -9.04 -2.89
C PHE B 19 -12.93 -9.69 -2.20
N ARG B 20 -14.06 -9.02 -2.40
CA ARG B 20 -15.35 -9.47 -1.84
C ARG B 20 -16.03 -10.57 -2.70
N LYS B 21 -16.11 -11.72 -2.05
CA LYS B 21 -16.66 -13.00 -2.50
C LYS B 21 -18.10 -12.77 -2.99
N SER B 22 -18.89 -12.07 -2.14
CA SER B 22 -20.25 -11.76 -2.61
C SER B 22 -21.00 -10.71 -1.78
N PRO B 23 -21.45 -9.62 -2.40
CA PRO B 23 -21.26 -9.29 -3.80
C PRO B 23 -19.75 -9.28 -4.08
N GLN B 24 -19.39 -9.92 -5.16
CA GLN B 24 -18.01 -10.03 -5.63
C GLN B 24 -17.63 -8.55 -5.86
N GLU B 25 -16.76 -8.04 -5.01
CA GLU B 25 -16.36 -6.62 -5.27
C GLU B 25 -14.98 -6.31 -4.70
N LEU B 26 -14.35 -5.30 -5.28
CA LEU B 26 -13.02 -4.84 -4.85
C LEU B 26 -13.21 -3.99 -3.56
N LEU B 27 -12.63 -4.54 -2.50
CA LEU B 27 -12.68 -3.87 -1.21
C LEU B 27 -11.54 -2.84 -1.02
N CYS B 28 -10.29 -3.28 -1.12
CA CYS B 28 -9.07 -2.50 -0.91
C CYS B 28 -7.86 -3.15 -1.57
N GLY B 29 -6.75 -2.45 -1.42
CA GLY B 29 -5.41 -2.94 -1.85
C GLY B 29 -4.87 -3.56 -0.53
N ALA B 30 -3.73 -4.17 -0.68
CA ALA B 30 -3.00 -4.86 0.40
C ALA B 30 -1.60 -5.12 -0.20
N SER B 31 -0.78 -5.77 0.60
CA SER B 31 0.54 -6.13 0.15
C SER B 31 1.05 -7.42 0.80
N LEU B 32 1.81 -8.10 -0.06
CA LEU B 32 2.49 -9.34 0.24
C LEU B 32 3.83 -9.12 0.96
N ILE B 33 3.99 -9.65 2.16
CA ILE B 33 5.24 -9.46 2.91
C ILE B 33 6.02 -10.80 3.05
N SER B 34 5.40 -11.88 2.58
CA SER B 34 6.00 -13.22 2.63
C SER B 34 4.97 -14.11 1.92
N ASP B 35 5.34 -15.41 1.81
CA ASP B 35 4.38 -16.33 1.15
C ASP B 35 3.13 -16.66 1.97
N ARG B 36 3.00 -16.25 3.23
CA ARG B 36 1.79 -16.50 4.00
C ARG B 36 1.21 -15.24 4.67
N TRP B 37 1.84 -14.08 4.51
CA TRP B 37 1.34 -12.85 5.17
C TRP B 37 1.08 -11.67 4.22
N VAL B 38 -0.07 -11.07 4.51
CA VAL B 38 -0.57 -9.91 3.77
C VAL B 38 -0.79 -8.78 4.78
N LEU B 39 -0.41 -7.57 4.39
CA LEU B 39 -0.52 -6.31 5.11
C LEU B 39 -1.60 -5.46 4.42
N THR B 40 -2.42 -4.94 5.34
CA THR B 40 -3.46 -4.01 4.84
C THR B 40 -3.80 -3.04 5.97
N ALA B 41 -4.65 -2.07 5.65
CA ALA B 41 -5.21 -1.05 6.58
C ALA B 41 -6.34 -1.70 7.39
N ALA B 42 -6.38 -1.67 8.69
CA ALA B 42 -7.42 -2.26 9.52
C ALA B 42 -8.85 -1.83 9.10
N HIS B 43 -9.01 -0.63 8.59
CA HIS B 43 -10.31 -0.13 8.25
C HIS B 43 -10.96 -0.81 7.00
N CYS B 44 -10.10 -1.58 6.30
CA CYS B 44 -10.66 -2.32 5.16
C CYS B 44 -11.51 -3.48 5.78
N LEU B 45 -11.17 -3.96 6.97
CA LEU B 45 -11.94 -5.09 7.55
C LEU B 45 -13.07 -4.64 8.45
N LEU B 46 -12.65 -3.83 9.42
CA LEU B 46 -13.49 -3.27 10.46
C LEU B 46 -13.65 -1.76 10.52
N TYR B 47 -14.92 -1.32 10.34
CA TYR B 47 -15.29 0.11 10.39
C TYR B 47 -16.76 0.28 10.80
N PRO B 48 -17.05 0.19 12.09
CA PRO B 48 -18.40 0.23 12.64
C PRO B 48 -19.31 1.34 12.23
N PRO B 49 -18.80 2.54 12.08
CA PRO B 49 -19.63 3.64 11.67
C PRO B 49 -20.22 3.37 10.30
N TRP B 50 -19.64 2.51 9.47
CA TRP B 50 -20.19 2.23 8.12
C TRP B 50 -20.80 0.82 8.05
N ASP B 51 -20.86 0.25 9.24
CA ASP B 51 -21.31 -1.11 9.50
C ASP B 51 -20.39 -2.17 8.83
N LYS B 52 -19.13 -1.86 8.66
CA LYS B 52 -18.20 -2.81 8.05
C LYS B 52 -17.41 -3.58 9.12
N ASN B 53 -17.50 -4.90 8.99
CA ASN B 53 -16.81 -5.83 9.90
C ASN B 53 -16.61 -7.18 9.22
N PHE B 54 -15.74 -7.30 8.26
CA PHE B 54 -15.47 -8.53 7.50
C PHE B 54 -14.74 -9.65 8.22
N THR B 55 -15.12 -10.90 7.86
CA THR B 55 -14.50 -12.11 8.44
C THR B 55 -13.57 -12.80 7.42
N GLU B 56 -12.77 -13.69 7.95
CA GLU B 56 -11.88 -14.50 7.10
C GLU B 56 -12.69 -14.98 5.89
N ASN B 57 -13.89 -15.42 6.24
CA ASN B 57 -14.95 -15.89 5.40
C ASN B 57 -15.43 -15.13 4.18
N ASP B 58 -15.71 -13.88 4.53
CA ASP B 58 -16.26 -12.94 3.58
C ASP B 58 -15.23 -12.54 2.54
N LEU B 59 -14.03 -13.05 2.69
CA LEU B 59 -12.91 -12.70 1.83
C LEU B 59 -12.02 -13.65 1.05
N LEU B 60 -11.51 -13.02 0.03
CA LEU B 60 -10.57 -13.39 -0.99
C LEU B 60 -9.48 -12.35 -1.31
N VAL B 61 -8.32 -12.93 -1.52
CA VAL B 61 -7.03 -12.29 -1.86
C VAL B 61 -6.59 -12.69 -3.25
N ARG B 62 -6.45 -11.69 -4.10
CA ARG B 62 -5.99 -11.85 -5.47
C ARG B 62 -4.57 -11.24 -5.64
N ILE B 63 -3.61 -12.13 -5.94
CA ILE B 63 -2.21 -11.76 -6.14
C ILE B 63 -1.65 -11.97 -7.53
N GLY B 64 -0.96 -10.95 -8.08
CA GLY B 64 -0.31 -11.05 -9.40
C GLY B 64 -1.09 -10.37 -10.54
N LYS B 65 -2.07 -9.63 -10.08
CA LYS B 65 -3.02 -8.87 -10.93
C LYS B 65 -2.47 -7.60 -11.53
N HIS B 66 -3.04 -7.28 -12.68
CA HIS B 66 -2.71 -6.09 -13.47
C HIS B 66 -4.02 -5.38 -13.80
N SER B 67 -4.91 -6.16 -14.40
CA SER B 67 -6.28 -5.81 -14.80
C SER B 67 -7.06 -5.81 -13.44
N ARG B 68 -7.88 -4.80 -13.33
CA ARG B 68 -8.73 -4.65 -12.15
C ARG B 68 -9.85 -5.70 -12.06
N THR B 69 -10.50 -5.84 -13.18
CA THR B 69 -11.68 -6.68 -13.46
C THR B 69 -11.55 -8.07 -14.00
N ARG B 70 -10.79 -8.26 -15.07
CA ARG B 70 -10.57 -9.59 -15.70
C ARG B 70 -9.92 -10.59 -14.79
N TYR B 71 -10.25 -11.89 -14.97
CA TYR B 71 -9.66 -13.00 -14.15
C TYR B 71 -8.39 -13.33 -14.97
N GLU B 72 -7.26 -13.09 -14.35
CA GLU B 72 -5.95 -13.24 -15.04
C GLU B 72 -5.45 -14.65 -15.01
N ARG B 73 -6.11 -15.34 -15.95
CA ARG B 73 -6.05 -16.71 -16.27
C ARG B 73 -4.74 -17.37 -15.95
N ASN B 74 -3.55 -17.14 -16.44
CA ASN B 74 -2.52 -18.05 -15.78
C ASN B 74 -1.49 -17.23 -14.99
N ILE B 75 -1.81 -16.05 -14.51
CA ILE B 75 -0.92 -15.14 -13.80
C ILE B 75 -1.36 -14.93 -12.36
N GLU B 76 -2.59 -14.49 -12.09
CA GLU B 76 -3.00 -14.30 -10.68
C GLU B 76 -3.21 -15.58 -9.90
N LYS B 77 -3.12 -15.51 -8.59
CA LYS B 77 -3.36 -16.56 -7.60
C LYS B 77 -4.35 -15.92 -6.57
N ILE B 78 -5.40 -16.67 -6.30
CA ILE B 78 -6.46 -16.26 -5.38
C ILE B 78 -6.24 -17.05 -4.12
N SER B 79 -6.40 -16.46 -2.97
CA SER B 79 -6.18 -17.28 -1.76
C SER B 79 -7.31 -16.94 -0.76
N MET B 80 -7.32 -17.81 0.24
CA MET B 80 -8.19 -17.81 1.39
C MET B 80 -7.30 -17.58 2.64
N LEU B 81 -7.99 -16.75 3.41
CA LEU B 81 -7.42 -16.31 4.67
C LEU B 81 -7.76 -17.39 5.70
N GLU B 82 -6.72 -17.63 6.44
CA GLU B 82 -6.80 -18.56 7.56
C GLU B 82 -7.17 -17.68 8.78
N LYS B 83 -6.54 -16.47 8.80
CA LYS B 83 -6.83 -15.60 9.95
C LYS B 83 -6.52 -14.12 9.73
N ILE B 84 -7.33 -13.35 10.45
CA ILE B 84 -7.27 -11.89 10.47
C ILE B 84 -6.83 -11.37 11.84
N TYR B 85 -5.89 -10.43 11.81
CA TYR B 85 -5.38 -9.82 13.05
C TYR B 85 -5.28 -8.31 12.84
N ILE B 86 -6.02 -7.64 13.70
CA ILE B 86 -6.08 -6.15 13.73
C ILE B 86 -5.30 -5.66 14.93
N HIS B 87 -4.74 -4.50 14.80
CA HIS B 87 -4.02 -3.75 15.83
C HIS B 87 -5.04 -3.52 16.94
N PRO B 88 -4.73 -4.05 18.12
CA PRO B 88 -5.59 -3.97 19.28
C PRO B 88 -5.96 -2.51 19.60
N ARG B 89 -5.04 -1.57 19.35
CA ARG B 89 -5.38 -0.16 19.68
C ARG B 89 -5.65 0.71 18.47
N TYR B 90 -6.13 0.04 17.43
CA TYR B 90 -6.55 0.72 16.17
C TYR B 90 -7.75 1.62 16.65
N ASN B 91 -7.68 2.90 16.33
CA ASN B 91 -8.71 3.85 16.71
C ASN B 91 -9.70 4.14 15.58
N TRP B 92 -10.74 3.33 15.47
CA TRP B 92 -11.74 3.65 14.38
C TRP B 92 -12.70 4.77 14.86
N ARG B 93 -12.72 4.92 16.20
CA ARG B 93 -13.64 5.93 16.75
C ARG B 93 -13.23 7.34 16.36
N GLU B 94 -11.90 7.57 16.18
CA GLU B 94 -11.63 9.00 15.89
C GLU B 94 -10.80 9.34 14.68
N ASN B 95 -9.61 8.76 14.61
CA ASN B 95 -8.74 9.18 13.51
C ASN B 95 -8.04 8.14 12.69
N LEU B 96 -8.43 6.87 12.86
CA LEU B 96 -7.83 5.72 12.10
C LEU B 96 -6.38 5.53 12.60
N ASP B 97 -6.17 5.99 13.83
CA ASP B 97 -4.88 5.84 14.50
C ASP B 97 -4.63 4.28 14.51
N ARG B 98 -3.45 3.98 14.01
CA ARG B 98 -2.96 2.58 13.91
C ARG B 98 -3.78 1.76 12.89
N ASP B 99 -3.99 2.36 11.74
CA ASP B 99 -4.79 1.73 10.69
C ASP B 99 -3.99 0.58 10.07
N ILE B 100 -3.94 -0.55 10.80
CA ILE B 100 -3.13 -1.64 10.31
C ILE B 100 -3.76 -2.99 10.72
N ALA B 101 -3.52 -3.98 9.84
CA ALA B 101 -3.98 -5.32 9.97
C ALA B 101 -3.10 -6.24 9.10
N LEU B 102 -3.04 -7.45 9.71
CA LEU B 102 -2.36 -8.60 9.04
C LEU B 102 -3.33 -9.73 8.68
N MET B 103 -3.03 -10.32 7.56
CA MET B 103 -3.83 -11.49 7.09
C MET B 103 -2.83 -12.62 6.77
N LYS B 104 -3.20 -13.74 7.33
CA LYS B 104 -2.43 -14.98 7.17
C LYS B 104 -3.28 -15.88 6.24
N LEU B 105 -2.64 -16.17 5.12
CA LEU B 105 -3.17 -16.96 4.04
C LEU B 105 -3.34 -18.42 4.47
N LYS B 106 -4.42 -19.04 4.01
CA LYS B 106 -4.67 -20.46 4.38
C LYS B 106 -3.50 -21.39 4.05
N LYS B 107 -2.92 -21.14 2.90
CA LYS B 107 -1.78 -21.84 2.29
C LYS B 107 -0.78 -20.88 1.58
N PRO B 108 0.50 -21.23 1.72
CA PRO B 108 1.59 -20.45 1.17
C PRO B 108 1.47 -20.33 -0.34
N VAL B 109 1.82 -19.11 -0.77
CA VAL B 109 1.75 -18.76 -2.20
C VAL B 109 3.17 -18.82 -2.77
N ALA B 110 3.21 -19.19 -4.03
CA ALA B 110 4.46 -19.33 -4.75
C ALA B 110 4.74 -18.06 -5.58
N PHE B 111 6.01 -17.76 -5.43
CA PHE B 111 6.62 -16.55 -6.06
C PHE B 111 6.70 -16.81 -7.53
N SER B 112 6.65 -15.85 -8.38
CA SER B 112 6.72 -16.00 -9.82
C SER B 112 7.21 -14.63 -10.26
N ASP B 113 7.18 -14.42 -11.53
CA ASP B 113 7.60 -13.15 -12.06
C ASP B 113 6.60 -12.04 -11.71
N TYR B 114 5.36 -12.37 -11.39
CA TYR B 114 4.32 -11.40 -11.09
C TYR B 114 3.96 -11.26 -9.62
N ILE B 115 4.52 -12.10 -8.80
CA ILE B 115 4.27 -12.21 -7.36
C ILE B 115 5.60 -12.34 -6.62
N HIS B 116 5.85 -11.26 -5.84
CA HIS B 116 7.10 -11.13 -5.04
C HIS B 116 6.83 -10.21 -3.86
N PRO B 117 7.29 -10.63 -2.69
CA PRO B 117 7.10 -9.89 -1.43
C PRO B 117 8.04 -8.61 -1.41
N VAL B 118 7.51 -7.66 -0.70
CA VAL B 118 8.14 -6.35 -0.41
C VAL B 118 8.78 -6.54 1.00
N CYS B 119 9.87 -5.81 1.26
CA CYS B 119 10.59 -5.85 2.55
C CYS B 119 9.99 -4.83 3.53
N LEU B 120 10.18 -5.13 4.77
CA LEU B 120 9.74 -4.20 5.88
C LEU B 120 11.05 -3.47 6.25
N PRO B 121 10.93 -2.20 6.59
CA PRO B 121 12.09 -1.41 6.89
C PRO B 121 12.55 -1.81 8.31
N ASP B 122 13.82 -1.56 8.47
CA ASP B 122 14.56 -1.67 9.75
C ASP B 122 14.69 -0.17 10.22
N ARG B 123 15.09 -0.02 11.48
CA ARG B 123 15.26 1.29 12.09
C ARG B 123 16.13 2.27 11.31
N GLU B 124 17.21 1.77 10.82
CA GLU B 124 18.21 2.49 10.06
C GLU B 124 17.64 2.98 8.74
N THR B 125 16.98 2.02 8.10
CA THR B 125 16.38 2.25 6.74
C THR B 125 15.30 3.34 6.85
N ALA B 126 14.43 3.23 7.82
CA ALA B 126 13.34 4.16 8.15
C ALA B 126 13.84 5.60 8.34
N ALA B 127 14.92 5.62 9.15
CA ALA B 127 15.60 6.86 9.53
C ALA B 127 16.09 7.63 8.32
N SER B 128 16.90 6.94 7.49
CA SER B 128 17.39 7.65 6.32
C SER B 128 16.44 7.92 5.19
N LEU B 129 15.33 7.23 5.02
CA LEU B 129 14.50 7.54 3.86
C LEU B 129 13.21 8.24 4.20
N LEU B 130 12.84 8.10 5.48
CA LEU B 130 11.58 8.79 5.85
C LEU B 130 11.86 10.27 6.14
N GLN B 131 12.09 11.07 5.13
CA GLN B 131 12.40 12.48 5.12
C GLN B 131 11.57 13.33 4.14
N ALA B 132 11.06 14.43 4.72
CA ALA B 132 10.24 15.40 3.95
C ALA B 132 11.02 15.69 2.66
N GLY B 133 10.30 15.64 1.53
CA GLY B 133 11.00 15.85 0.26
C GLY B 133 11.27 14.53 -0.46
N TYR B 134 11.62 13.47 0.22
CA TYR B 134 11.87 12.14 -0.41
C TYR B 134 10.54 11.59 -0.99
N LYS B 135 10.75 11.05 -2.17
CA LYS B 135 9.62 10.48 -2.91
C LYS B 135 9.40 8.98 -2.62
N GLY B 136 8.10 8.67 -2.44
CA GLY B 136 7.62 7.30 -2.24
C GLY B 136 6.71 7.00 -3.44
N ARG B 137 6.25 5.76 -3.54
CA ARG B 137 5.39 5.29 -4.63
C ARG B 137 4.17 4.58 -4.06
N VAL B 138 3.02 4.96 -4.60
CA VAL B 138 1.71 4.43 -4.21
C VAL B 138 1.02 3.80 -5.46
N THR B 139 0.39 2.68 -5.16
CA THR B 139 -0.32 1.90 -6.20
C THR B 139 -1.73 1.53 -5.75
N GLY B 140 -2.63 1.44 -6.69
CA GLY B 140 -4.00 1.08 -6.48
C GLY B 140 -4.85 1.01 -7.78
N TRP B 141 -6.05 0.50 -7.49
CA TRP B 141 -7.14 0.28 -8.42
C TRP B 141 -8.39 1.11 -8.04
N GLY B 142 -8.13 2.10 -7.20
CA GLY B 142 -9.07 3.07 -6.65
C GLY B 142 -9.43 4.18 -7.62
N ASN B 143 -10.27 5.03 -7.06
CA ASN B 143 -10.82 6.21 -7.76
C ASN B 143 -9.66 6.99 -8.42
N LEU B 144 -10.03 7.31 -9.65
CA LEU B 144 -9.23 8.05 -10.63
C LEU B 144 -9.57 9.54 -10.48
N LYS B 145 -10.73 9.74 -9.90
CA LYS B 145 -11.34 11.04 -9.66
C LYS B 145 -11.99 11.07 -8.25
N GLU B 146 -11.84 12.24 -7.64
CA GLU B 146 -12.45 12.45 -6.31
C GLU B 146 -13.90 11.94 -6.39
N THR B 147 -14.53 12.50 -7.39
CA THR B 147 -15.86 12.34 -7.93
C THR B 147 -15.67 12.99 -9.31
N TRP B 148 -16.43 12.59 -10.28
CA TRP B 148 -16.25 13.06 -11.68
C TRP B 148 -17.56 13.23 -12.46
N GLY B 155 -12.90 7.66 -13.63
CA GLY B 155 -13.67 6.55 -13.11
C GLY B 155 -12.97 5.56 -12.17
N GLN B 156 -12.89 4.36 -12.73
CA GLN B 156 -12.23 3.16 -12.12
C GLN B 156 -11.28 2.80 -13.28
N PRO B 157 -10.05 2.47 -12.91
CA PRO B 157 -9.06 2.22 -13.96
C PRO B 157 -9.30 0.79 -14.50
N SER B 158 -8.69 0.50 -15.61
CA SER B 158 -8.73 -0.82 -16.24
C SER B 158 -7.57 -1.62 -15.63
N VAL B 159 -6.53 -0.85 -15.45
CA VAL B 159 -5.24 -1.42 -14.91
C VAL B 159 -4.73 -0.67 -13.71
N LEU B 160 -3.87 -1.34 -12.96
CA LEU B 160 -3.20 -0.84 -11.76
C LEU B 160 -2.54 0.51 -12.12
N GLN B 161 -2.82 1.49 -11.30
CA GLN B 161 -2.30 2.87 -11.44
C GLN B 161 -1.11 3.11 -10.48
N VAL B 162 -0.25 4.07 -10.86
CA VAL B 162 0.87 4.39 -9.99
C VAL B 162 1.14 5.89 -9.96
N VAL B 163 1.60 6.28 -8.77
CA VAL B 163 2.02 7.67 -8.51
C VAL B 163 3.23 7.68 -7.53
N ASN B 164 4.14 8.60 -7.72
CA ASN B 164 5.33 8.93 -6.93
C ASN B 164 4.99 10.27 -6.20
N LEU B 165 5.04 10.27 -4.90
CA LEU B 165 4.69 11.46 -4.07
C LEU B 165 5.76 11.73 -3.01
N PRO B 166 5.97 13.03 -2.75
CA PRO B 166 7.02 13.37 -1.78
C PRO B 166 6.51 13.32 -0.35
N ILE B 167 7.31 12.91 0.61
CA ILE B 167 6.92 12.91 2.02
C ILE B 167 6.83 14.43 2.42
N VAL B 168 5.88 14.83 3.24
CA VAL B 168 5.63 16.24 3.68
C VAL B 168 5.98 16.35 5.17
N GLU B 169 6.59 17.40 5.59
CA GLU B 169 6.98 17.65 6.99
C GLU B 169 5.66 17.74 7.78
N ARG B 170 5.71 17.16 8.97
CA ARG B 170 4.65 17.05 9.94
C ARG B 170 3.82 18.31 10.16
N PRO B 171 4.45 19.46 10.44
CA PRO B 171 3.75 20.72 10.64
C PRO B 171 2.79 21.01 9.51
N VAL B 172 3.27 20.93 8.27
CA VAL B 172 2.35 21.15 7.13
C VAL B 172 1.17 20.14 7.15
N CYS B 173 1.59 18.86 7.53
CA CYS B 173 0.60 17.77 7.59
C CYS B 173 -0.57 18.22 8.53
N LYS B 174 -0.17 18.54 9.76
CA LYS B 174 -1.01 18.97 10.86
C LYS B 174 -1.91 20.17 10.50
N ASP B 175 -1.43 21.19 9.89
CA ASP B 175 -2.13 22.39 9.47
C ASP B 175 -3.12 22.34 8.32
N SER B 176 -3.10 21.17 7.65
CA SER B 176 -3.95 20.92 6.50
C SER B 176 -5.30 20.36 6.89
N THR B 177 -5.50 19.92 8.11
CA THR B 177 -6.76 19.32 8.56
C THR B 177 -7.15 19.67 9.99
N ARG B 178 -8.35 19.38 10.40
CA ARG B 178 -8.87 19.59 11.74
C ARG B 178 -8.80 18.25 12.51
N ILE B 179 -8.50 17.21 11.74
CA ILE B 179 -8.36 15.88 12.36
C ILE B 179 -6.98 15.80 13.08
N ARG B 180 -7.01 15.07 14.16
CA ARG B 180 -5.78 14.85 14.94
C ARG B 180 -4.83 13.76 14.40
N ILE B 181 -3.69 14.22 13.93
CA ILE B 181 -2.55 13.42 13.39
C ILE B 181 -1.82 12.75 14.57
N THR B 182 -1.08 11.70 14.43
CA THR B 182 -0.35 11.02 15.53
C THR B 182 1.00 10.60 14.93
N ASP B 183 1.89 10.09 15.73
CA ASP B 183 3.20 9.66 15.31
C ASP B 183 3.04 8.41 14.44
N ASN B 184 1.90 7.74 14.45
CA ASN B 184 1.77 6.55 13.56
C ASN B 184 1.27 6.93 12.18
N MET B 185 1.27 8.19 11.83
CA MET B 185 0.81 8.66 10.49
C MET B 185 1.94 9.56 9.94
N PHE B 186 1.97 9.75 8.66
CA PHE B 186 2.78 10.61 7.84
C PHE B 186 1.81 10.95 6.63
N CYS B 187 2.01 12.14 6.10
CA CYS B 187 1.21 12.62 4.95
C CYS B 187 2.28 12.84 3.85
N ALA B 188 1.72 12.78 2.67
CA ALA B 188 2.42 12.94 1.40
C ALA B 188 1.53 13.56 0.31
N GLY B 189 2.15 14.21 -0.67
CA GLY B 189 1.70 14.91 -1.83
C GLY B 189 2.52 16.17 -2.05
N TYR B 190 2.17 16.82 -3.17
CA TYR B 190 2.79 18.09 -3.56
C TYR B 190 2.09 19.26 -2.90
N LYS B 191 2.81 20.35 -2.73
CA LYS B 191 2.33 21.64 -2.17
C LYS B 191 1.69 22.30 -3.44
N PRO B 192 0.65 23.11 -3.28
CA PRO B 192 -0.06 23.75 -4.39
C PRO B 192 0.86 24.60 -5.26
N ASP B 193 1.89 25.10 -4.62
CA ASP B 193 2.83 25.96 -5.35
C ASP B 193 3.68 25.06 -6.23
N GLU B 194 4.10 23.90 -5.70
CA GLU B 194 4.95 22.98 -6.47
C GLU B 194 4.38 22.50 -7.80
N GLY B 195 3.21 22.96 -8.14
CA GLY B 195 2.53 22.58 -9.37
C GLY B 195 3.12 21.33 -10.03
N LYS B 196 2.67 20.19 -9.57
CA LYS B 196 2.77 18.76 -9.77
C LYS B 196 1.67 18.23 -8.84
N ARG B 197 0.82 17.32 -9.22
CA ARG B 197 -0.29 16.76 -8.44
C ARG B 197 -0.32 15.22 -8.34
N GLY B 198 -1.38 14.73 -7.72
CA GLY B 198 -1.54 13.26 -7.56
C GLY B 198 -1.85 12.95 -6.09
N ASP B 199 -2.54 11.80 -5.95
CA ASP B 199 -2.99 11.30 -4.63
C ASP B 199 -3.58 9.88 -4.89
N ALA B 200 -3.78 9.24 -3.76
CA ALA B 200 -4.41 7.93 -3.63
C ALA B 200 -5.88 8.47 -3.52
N CYS B 201 -6.81 7.55 -3.48
CA CYS B 201 -8.22 8.01 -3.39
C CYS B 201 -8.98 6.83 -2.86
N GLU B 202 -10.26 7.07 -2.59
CA GLU B 202 -11.08 5.95 -2.05
C GLU B 202 -10.91 4.72 -2.96
N GLY B 203 -10.81 3.56 -2.27
CA GLY B 203 -10.67 2.29 -2.98
C GLY B 203 -9.20 1.87 -3.13
N ASP B 204 -8.33 2.84 -2.82
CA ASP B 204 -6.89 2.76 -2.75
C ASP B 204 -6.45 2.27 -1.36
N SER B 205 -7.20 2.39 -0.28
CA SER B 205 -6.75 1.92 1.00
C SER B 205 -6.21 0.48 1.03
N GLY B 206 -5.27 0.35 1.98
CA GLY B 206 -4.58 -0.88 2.34
C GLY B 206 -3.42 -1.12 1.38
N GLY B 207 -3.39 -0.31 0.35
CA GLY B 207 -2.25 -0.43 -0.59
C GLY B 207 -0.97 0.14 0.10
N PRO B 208 0.16 -0.18 -0.54
CA PRO B 208 1.49 0.15 -0.04
C PRO B 208 2.08 1.47 -0.57
N PHE B 209 2.74 2.18 0.31
CA PHE B 209 3.52 3.43 0.02
C PHE B 209 4.96 2.82 0.05
N VAL B 210 5.64 2.78 -1.09
CA VAL B 210 6.95 2.10 -1.03
C VAL B 210 8.09 3.06 -1.44
N MET B 211 9.28 2.69 -0.98
CA MET B 211 10.50 3.46 -1.34
C MET B 211 11.58 2.44 -1.72
N LYS B 212 12.42 2.83 -2.67
CA LYS B 212 13.56 1.91 -3.11
C LYS B 212 14.84 2.37 -2.34
N SER B 213 15.42 1.56 -1.52
CA SER B 213 16.64 1.99 -0.81
C SER B 213 17.80 2.25 -1.76
N PRO B 214 18.46 3.41 -1.70
CA PRO B 214 19.62 3.69 -2.57
C PRO B 214 20.86 2.86 -2.06
N PHE B 215 20.85 2.35 -0.83
CA PHE B 215 21.95 1.59 -0.26
C PHE B 215 22.06 0.14 -0.74
N ASN B 216 20.90 -0.53 -0.85
CA ASN B 216 20.96 -1.94 -1.27
C ASN B 216 20.01 -2.31 -2.41
N ASN B 217 19.39 -1.32 -2.98
CA ASN B 217 18.42 -1.16 -4.03
C ASN B 217 17.23 -2.15 -4.05
N ARG B 218 16.69 -2.31 -2.86
CA ARG B 218 15.56 -3.11 -2.47
C ARG B 218 14.40 -2.17 -2.12
N TRP B 219 13.22 -2.58 -2.49
CA TRP B 219 11.99 -1.81 -2.24
C TRP B 219 11.51 -2.16 -0.84
N TYR B 220 11.18 -1.11 -0.14
CA TYR B 220 10.68 -1.25 1.25
C TYR B 220 9.29 -0.65 1.38
N GLN B 221 8.49 -1.27 2.22
CA GLN B 221 7.15 -0.63 2.39
C GLN B 221 7.22 0.31 3.64
N MET B 222 7.02 1.58 3.37
CA MET B 222 7.09 2.60 4.45
C MET B 222 5.76 2.92 5.08
N GLY B 223 4.72 3.00 4.19
CA GLY B 223 3.37 3.34 4.65
C GLY B 223 2.29 2.44 3.97
N ILE B 224 1.13 2.60 4.60
CA ILE B 224 -0.13 1.99 4.13
C ILE B 224 -1.17 3.05 3.77
N VAL B 225 -1.73 3.13 2.60
CA VAL B 225 -2.80 4.07 2.30
C VAL B 225 -3.96 3.94 3.32
N SER B 226 -4.21 5.09 3.98
CA SER B 226 -5.18 5.24 5.06
C SER B 226 -6.34 6.20 4.91
N TRP B 227 -6.13 7.49 4.81
CA TRP B 227 -7.27 8.44 4.73
C TRP B 227 -6.84 9.75 4.12
N GLY B 228 -7.85 10.52 3.78
CA GLY B 228 -7.61 11.87 3.18
C GLY B 228 -8.99 12.59 3.20
N GLU B 229 -8.98 13.76 2.57
CA GLU B 229 -10.21 14.61 2.49
C GLU B 229 -10.26 15.08 1.05
N GLY B 230 -11.21 14.41 0.40
CA GLY B 230 -11.32 14.64 -1.10
C GLY B 230 -10.08 13.84 -1.62
N CYS B 231 -9.71 14.03 -2.84
CA CYS B 231 -8.55 13.42 -3.55
C CYS B 231 -7.96 14.52 -4.43
N ASP B 232 -6.66 14.68 -4.39
CA ASP B 232 -5.90 15.69 -5.17
C ASP B 232 -6.29 17.17 -5.03
N ARG B 233 -6.78 17.61 -3.88
CA ARG B 233 -7.15 19.03 -3.72
C ARG B 233 -5.98 19.85 -3.23
N ASP B 234 -5.86 21.08 -3.66
CA ASP B 234 -4.78 21.98 -3.21
C ASP B 234 -4.78 22.15 -1.68
N GLY B 235 -3.56 22.17 -1.15
CA GLY B 235 -3.36 22.32 0.28
C GLY B 235 -3.82 21.12 1.08
N LYS B 236 -4.02 19.96 0.41
CA LYS B 236 -4.45 18.78 1.23
C LYS B 236 -3.43 17.65 0.97
N TYR B 237 -3.32 16.70 1.92
CA TYR B 237 -2.40 15.59 1.77
C TYR B 237 -2.96 14.19 2.05
N GLY B 238 -2.31 13.21 1.37
CA GLY B 238 -2.74 11.85 1.72
C GLY B 238 -2.04 11.48 3.05
N PHE B 239 -2.72 10.70 3.87
CA PHE B 239 -2.22 10.19 5.15
C PHE B 239 -2.04 8.67 5.02
N TYR B 240 -0.94 8.17 5.57
CA TYR B 240 -0.51 6.80 5.56
C TYR B 240 -0.11 6.30 6.93
N THR B 241 -0.42 5.04 7.13
CA THR B 241 -0.05 4.35 8.39
C THR B 241 1.49 4.27 8.39
N HIS B 242 2.06 4.61 9.53
CA HIS B 242 3.55 4.57 9.65
C HIS B 242 3.98 3.14 10.00
N VAL B 243 4.37 2.38 8.97
CA VAL B 243 4.73 0.96 9.12
C VAL B 243 5.90 0.71 10.09
N PHE B 244 6.99 1.46 9.94
CA PHE B 244 8.13 1.26 10.83
C PHE B 244 7.72 1.28 12.28
N ARG B 245 6.91 2.25 12.58
CA ARG B 245 6.29 2.55 13.85
C ARG B 245 5.47 1.37 14.39
N LEU B 246 4.83 0.59 13.53
CA LEU B 246 4.01 -0.53 14.03
C LEU B 246 4.68 -1.89 13.89
N LYS B 247 5.93 -1.91 13.48
CA LYS B 247 6.83 -3.00 13.22
C LYS B 247 6.90 -4.02 14.35
N LYS B 248 6.92 -3.46 15.57
CA LYS B 248 6.96 -4.42 16.69
C LYS B 248 5.70 -5.29 16.74
N TRP B 249 4.58 -4.65 16.49
CA TRP B 249 3.30 -5.32 16.50
C TRP B 249 3.30 -6.43 15.46
N ILE B 250 3.92 -6.11 14.33
CA ILE B 250 4.01 -7.01 13.17
C ILE B 250 4.91 -8.19 13.51
N GLN B 251 6.10 -7.89 13.99
CA GLN B 251 7.06 -8.96 14.37
C GLN B 251 6.32 -9.98 15.28
N LYS B 252 5.65 -9.36 16.25
CA LYS B 252 4.90 -10.04 17.29
C LYS B 252 3.84 -11.03 16.86
N VAL B 253 2.98 -10.71 15.91
CA VAL B 253 1.92 -11.64 15.48
C VAL B 253 2.49 -12.77 14.61
N ILE B 254 3.51 -12.44 13.85
CA ILE B 254 4.16 -13.37 12.95
C ILE B 254 4.91 -14.46 13.72
N ASP B 255 5.58 -13.97 14.74
CA ASP B 255 6.39 -14.80 15.63
C ASP B 255 5.52 -15.60 16.58
N GLN B 256 4.34 -15.11 16.84
CA GLN B 256 3.31 -15.71 17.72
C GLN B 256 2.45 -16.76 17.01
N PHE B 257 2.01 -16.53 15.75
CA PHE B 257 1.19 -17.55 15.09
C PHE B 257 1.38 -17.62 13.58
N GLY B 258 2.62 -17.74 13.11
CA GLY B 258 2.75 -17.74 11.64
C GLY B 258 3.78 -18.49 10.88
N GLU B 259 3.96 -18.00 9.64
CA GLU B 259 4.92 -18.62 8.69
C GLU B 259 6.40 -18.38 9.03
N PRO C 2 -11.91 7.76 5.65
CA PRO C 2 -11.14 6.53 5.41
C PRO C 2 -11.19 6.32 3.88
N ARG C 3 -10.10 5.93 3.23
CA ARG C 3 -10.03 5.68 1.77
C ARG C 3 -10.15 4.17 1.42
N ASP D 8 -19.34 -5.49 -14.53
CA ASP D 8 -17.98 -4.96 -14.43
C ASP D 8 -16.97 -6.11 -14.25
N PHE D 9 -16.93 -6.58 -13.01
CA PHE D 9 -16.01 -7.71 -12.72
C PHE D 9 -16.31 -8.84 -13.69
N GLU D 10 -15.27 -9.58 -14.00
CA GLU D 10 -15.33 -10.77 -14.84
C GLU D 10 -15.42 -11.93 -13.83
N GLU D 11 -16.00 -13.00 -14.35
CA GLU D 11 -16.25 -14.27 -13.69
C GLU D 11 -15.00 -14.94 -13.14
N ILE D 12 -15.08 -15.21 -11.83
CA ILE D 12 -13.93 -15.88 -11.18
C ILE D 12 -14.40 -17.27 -10.78
N PRO D 13 -13.67 -18.24 -11.07
#